data_4UGO
#
_entry.id   4UGO
#
_cell.length_a   80.410
_cell.length_b   94.940
_cell.length_c   62.970
_cell.angle_alpha   90.00
_cell.angle_beta   90.00
_cell.angle_gamma   90.00
#
_symmetry.space_group_name_H-M   'P 21 21 2'
#
loop_
_entity.id
_entity.type
_entity.pdbx_description
1 polymer 'NITRIC OXIDE SYNTHASE OXYGENASE'
2 non-polymer 'PROTOPORPHYRIN IX CONTAINING FE'
3 non-polymer 5,6,7,8-TETRAHYDROBIOPTERIN
4 non-polymer 'CHLORIDE ION'
5 non-polymer N-(4-{2-[ethyl(3-{[(E)-imino(thiophen-2-yl)methyl]amino}benzyl)amino]ethyl}phenyl)thiophene-2-carboximidamide
6 non-polymer GLYCEROL
7 water water
#
_entity_poly.entity_id   1
_entity_poly.type   'polypeptide(L)'
_entity_poly.pdbx_seq_one_letter_code
;MEEKEILWNEAKAFIAACYQELGKAAEVKDRLADIKSEIDLTGSYVHTKEELEHGAKMAWRNSNRCIGRLFWNSLNVIDR
RDVRTKEEVRDALFHHIETATNNGKIRPTITIFPPEEKGEKQVEIWNHQLIRYAGYESDGERIGDPASCSLTAACEELGW
RGERTDFDLLPLIFRMKGDEQPVWYELPRSLVIEVPITHPDIEAFSDLELKWYGVPIISDMKLEVGGIHYNAAPFNGWYM
GTEIGARNLADEKRYDKLKKVASVIGIAADYNTDLWKDQALVELNKAVLHSYKKQGVSIVDHHTAASQFKRFEEQAEEAG
RKLTGDWTWLIPPISPAATHIFHRSYDNSIVKPNYFYQDKPYE
;
_entity_poly.pdbx_strand_id   A
#
# COMPACT_ATOMS: atom_id res chain seq x y z
N GLU A 2 -4.74 32.44 -1.84
CA GLU A 2 -4.08 31.53 -0.90
C GLU A 2 -3.94 30.11 -1.47
N GLU A 3 -4.98 29.62 -2.14
CA GLU A 3 -4.91 28.31 -2.78
C GLU A 3 -3.85 28.30 -3.88
N LYS A 4 -3.94 29.28 -4.79
CA LYS A 4 -2.99 29.41 -5.90
C LYS A 4 -1.58 29.65 -5.38
N GLU A 5 -1.49 30.19 -4.18
CA GLU A 5 -0.21 30.52 -3.58
C GLU A 5 0.43 29.28 -2.95
N ILE A 6 -0.40 28.45 -2.31
CA ILE A 6 0.08 27.19 -1.79
C ILE A 6 0.62 26.38 -2.96
N LEU A 7 -0.14 26.35 -4.05
CA LEU A 7 0.24 25.56 -5.23
C LEU A 7 1.55 26.04 -5.81
N TRP A 8 1.69 27.36 -5.94
CA TRP A 8 2.89 27.96 -6.50
C TRP A 8 4.13 27.72 -5.64
N ASN A 9 3.98 27.85 -4.32
CA ASN A 9 5.07 27.59 -3.40
C ASN A 9 5.52 26.13 -3.47
N GLU A 10 4.55 25.23 -3.42
CA GLU A 10 4.83 23.80 -3.50
C GLU A 10 5.51 23.45 -4.81
N ALA A 11 5.11 24.11 -5.89
CA ALA A 11 5.63 23.79 -7.21
C ALA A 11 7.09 24.20 -7.36
N LYS A 12 7.40 25.42 -6.93
CA LYS A 12 8.79 25.89 -6.89
C LYS A 12 9.69 24.93 -6.13
N ALA A 13 9.22 24.46 -4.99
CA ALA A 13 10.07 23.61 -4.15
C ALA A 13 10.30 22.26 -4.81
N PHE A 14 9.23 21.68 -5.37
CA PHE A 14 9.34 20.38 -6.02
C PHE A 14 10.17 20.44 -7.30
N ILE A 15 9.89 21.41 -8.16
CA ILE A 15 10.59 21.49 -9.45
C ILE A 15 12.09 21.68 -9.25
N ALA A 16 12.47 22.59 -8.37
CA ALA A 16 13.88 22.82 -8.05
C ALA A 16 14.56 21.56 -7.55
N ALA A 17 13.96 20.90 -6.58
CA ALA A 17 14.53 19.68 -6.02
C ALA A 17 14.58 18.58 -7.08
N CYS A 18 13.44 18.33 -7.72
CA CYS A 18 13.35 17.27 -8.73
C CYS A 18 14.36 17.45 -9.86
N TYR A 19 14.44 18.66 -10.42
CA TYR A 19 15.34 18.93 -11.54
C TYR A 19 16.79 18.89 -11.08
N GLN A 20 17.01 19.15 -9.81
CA GLN A 20 18.35 19.02 -9.24
C GLN A 20 18.77 17.56 -9.25
N GLU A 21 17.86 16.69 -8.83
CA GLU A 21 18.15 15.28 -8.78
C GLU A 21 18.34 14.70 -10.17
N LEU A 22 17.56 15.19 -11.14
CA LEU A 22 17.62 14.67 -12.50
C LEU A 22 18.69 15.34 -13.36
N GLY A 23 19.63 16.05 -12.73
CA GLY A 23 20.65 16.80 -13.43
C GLY A 23 20.13 17.89 -14.36
N LYS A 24 18.86 18.24 -14.22
CA LYS A 24 18.22 19.25 -15.06
C LYS A 24 18.16 20.64 -14.43
N ALA A 25 19.11 20.94 -13.55
CA ALA A 25 19.07 22.17 -12.76
C ALA A 25 18.96 23.47 -13.56
N ALA A 26 19.47 23.49 -14.79
CA ALA A 26 19.48 24.70 -15.60
C ALA A 26 18.14 24.98 -16.28
N GLU A 27 17.21 24.02 -16.20
CA GLU A 27 15.92 24.18 -16.85
C GLU A 27 14.89 24.69 -15.86
N VAL A 28 15.29 24.86 -14.61
CA VAL A 28 14.37 25.23 -13.55
C VAL A 28 13.72 26.61 -13.79
N LYS A 29 14.53 27.62 -14.07
CA LYS A 29 14.03 28.98 -14.26
C LYS A 29 12.95 29.06 -15.33
N ASP A 30 13.25 28.50 -16.50
CA ASP A 30 12.30 28.46 -17.60
C ASP A 30 11.05 27.67 -17.27
N ARG A 31 11.24 26.49 -16.69
CA ARG A 31 10.12 25.61 -16.38
C ARG A 31 9.21 26.24 -15.33
N LEU A 32 9.81 26.96 -14.39
CA LEU A 32 9.03 27.63 -13.34
C LEU A 32 8.16 28.75 -13.91
N ALA A 33 8.66 29.40 -14.95
CA ALA A 33 7.91 30.46 -15.62
C ALA A 33 6.68 29.90 -16.30
N ASP A 34 6.88 28.85 -17.10
CA ASP A 34 5.77 28.19 -17.79
C ASP A 34 4.71 27.78 -16.79
N ILE A 35 5.15 27.24 -15.66
CA ILE A 35 4.24 26.85 -14.58
C ILE A 35 3.48 28.05 -14.03
N LYS A 36 4.19 29.14 -13.74
CA LYS A 36 3.54 30.31 -13.14
C LYS A 36 2.50 30.91 -14.07
N SER A 37 2.79 30.93 -15.37
CA SER A 37 1.82 31.40 -16.37
C SER A 37 0.62 30.48 -16.36
N GLU A 38 0.90 29.18 -16.40
CA GLU A 38 -0.14 28.17 -16.50
C GLU A 38 -1.08 28.23 -15.30
N ILE A 39 -0.52 28.44 -14.11
CA ILE A 39 -1.32 28.59 -12.90
C ILE A 39 -2.15 29.87 -12.93
N ASP A 40 -1.53 30.97 -13.33
CA ASP A 40 -2.24 32.25 -13.45
C ASP A 40 -3.38 32.16 -14.45
N LEU A 41 -3.20 31.35 -15.47
CA LEU A 41 -4.19 31.21 -16.54
C LEU A 41 -5.24 30.13 -16.27
N THR A 42 -4.82 28.99 -15.72
CA THR A 42 -5.70 27.83 -15.58
C THR A 42 -6.04 27.46 -14.14
N GLY A 43 -5.34 28.06 -13.18
CA GLY A 43 -5.55 27.76 -11.78
C GLY A 43 -4.80 26.52 -11.33
N SER A 44 -4.04 25.93 -12.25
CA SER A 44 -3.27 24.73 -11.93
C SER A 44 -2.11 24.54 -12.90
N TYR A 45 -1.52 23.35 -12.91
CA TYR A 45 -0.49 23.01 -13.88
C TYR A 45 -0.32 21.51 -14.05
N VAL A 46 0.22 21.13 -15.20
CA VAL A 46 0.32 19.75 -15.60
C VAL A 46 1.77 19.30 -15.56
N HIS A 47 2.04 18.19 -14.88
CA HIS A 47 3.40 17.68 -14.77
C HIS A 47 3.87 17.02 -16.05
N THR A 48 5.16 17.17 -16.34
CA THR A 48 5.76 16.38 -17.40
C THR A 48 5.82 14.94 -16.95
N LYS A 49 6.01 14.02 -17.89
CA LYS A 49 6.12 12.60 -17.57
C LYS A 49 7.26 12.35 -16.58
N GLU A 50 8.38 13.03 -16.82
CA GLU A 50 9.57 12.90 -15.99
C GLU A 50 9.28 13.37 -14.56
N GLU A 51 8.77 14.60 -14.44
CA GLU A 51 8.36 15.13 -13.15
C GLU A 51 7.43 14.16 -12.40
N LEU A 52 6.40 13.67 -13.09
CA LEU A 52 5.42 12.81 -12.44
C LEU A 52 6.07 11.52 -11.95
N GLU A 53 6.88 10.91 -12.79
CA GLU A 53 7.58 9.69 -12.42
C GLU A 53 8.49 9.88 -11.20
N HIS A 54 9.35 10.89 -11.26
CA HIS A 54 10.29 11.12 -10.18
C HIS A 54 9.59 11.57 -8.90
N GLY A 55 8.49 12.33 -9.05
CA GLY A 55 7.66 12.72 -7.92
C GLY A 55 7.11 11.51 -7.19
N ALA A 56 6.69 10.50 -7.95
CA ALA A 56 6.17 9.26 -7.37
C ALA A 56 7.26 8.54 -6.59
N LYS A 57 8.43 8.46 -7.18
CA LYS A 57 9.58 7.87 -6.49
C LYS A 57 9.97 8.67 -5.26
N MET A 58 10.09 9.99 -5.40
CA MET A 58 10.41 10.83 -4.25
C MET A 58 9.40 10.61 -3.13
N ALA A 59 8.12 10.58 -3.48
CA ALA A 59 7.06 10.39 -2.48
C ALA A 59 7.25 9.10 -1.69
N TRP A 60 7.68 8.05 -2.37
CA TRP A 60 7.95 6.79 -1.70
C TRP A 60 9.16 6.96 -0.78
N ARG A 61 10.22 7.59 -1.29
CA ARG A 61 11.42 7.84 -0.50
C ARG A 61 11.12 8.60 0.79
N ASN A 62 10.07 9.42 0.78
CA ASN A 62 9.75 10.26 1.93
C ASN A 62 8.74 9.66 2.90
N SER A 63 8.30 8.43 2.62
CA SER A 63 7.32 7.74 3.47
C SER A 63 7.96 7.26 4.76
N ASN A 64 7.98 8.12 5.77
CA ASN A 64 8.51 7.79 7.11
C ASN A 64 8.20 6.40 7.66
N ARG A 65 7.00 5.89 7.40
CA ARG A 65 6.60 4.60 7.96
C ARG A 65 7.06 3.39 7.14
N CYS A 66 7.62 3.61 5.96
CA CYS A 66 7.96 2.48 5.09
C CYS A 66 9.38 1.95 5.27
N ILE A 67 9.46 0.65 5.55
CA ILE A 67 10.74 -0.03 5.77
C ILE A 67 11.38 -0.46 4.43
N GLY A 68 10.57 -0.49 3.37
CA GLY A 68 11.04 -1.00 2.10
C GLY A 68 11.58 0.06 1.15
N ARG A 69 11.86 1.25 1.68
CA ARG A 69 12.26 2.38 0.85
C ARG A 69 13.56 2.26 0.03
N LEU A 70 14.39 1.25 0.30
CA LEU A 70 15.66 1.10 -0.42
C LEU A 70 15.44 1.12 -1.94
N PHE A 71 14.32 0.57 -2.38
CA PHE A 71 14.08 0.39 -3.81
C PHE A 71 13.24 1.49 -4.45
N TRP A 72 13.14 2.64 -3.77
CA TRP A 72 12.35 3.78 -4.24
C TRP A 72 12.59 4.17 -5.72
N ASN A 73 13.86 4.16 -6.13
CA ASN A 73 14.20 4.62 -7.47
C ASN A 73 13.79 3.66 -8.59
N SER A 74 13.44 2.43 -8.25
CA SER A 74 13.03 1.49 -9.29
C SER A 74 11.51 1.32 -9.38
N LEU A 75 10.76 2.19 -8.69
CA LEU A 75 9.29 2.16 -8.79
C LEU A 75 8.86 2.27 -10.26
N ASN A 76 7.99 1.36 -10.69
CA ASN A 76 7.45 1.35 -12.04
C ASN A 76 6.20 2.24 -12.08
N VAL A 77 6.25 3.32 -12.85
CA VAL A 77 5.17 4.30 -12.86
C VAL A 77 4.36 4.23 -14.14
N ILE A 78 3.06 4.04 -14.00
CA ILE A 78 2.15 4.02 -15.14
C ILE A 78 1.29 5.27 -15.10
N ASP A 79 1.35 6.05 -16.18
CA ASP A 79 0.67 7.34 -16.26
C ASP A 79 -0.70 7.16 -16.92
N ARG A 80 -1.76 7.12 -16.11
CA ARG A 80 -3.12 7.10 -16.65
C ARG A 80 -3.90 8.38 -16.43
N ARG A 81 -3.24 9.52 -16.62
CA ARG A 81 -3.92 10.81 -16.54
C ARG A 81 -4.88 11.01 -17.73
N ASP A 82 -4.84 10.07 -18.67
CA ASP A 82 -5.66 10.16 -19.88
C ASP A 82 -7.08 9.61 -19.70
N VAL A 83 -7.34 8.84 -18.64
CA VAL A 83 -8.63 8.18 -18.49
C VAL A 83 -9.81 9.13 -18.29
N ARG A 84 -10.95 8.81 -18.90
CA ARG A 84 -12.15 9.63 -18.78
C ARG A 84 -13.37 8.80 -18.42
N THR A 85 -13.28 7.49 -18.62
CA THR A 85 -14.43 6.61 -18.45
C THR A 85 -14.18 5.52 -17.42
N LYS A 86 -15.27 5.02 -16.83
CA LYS A 86 -15.16 4.02 -15.79
C LYS A 86 -14.64 2.70 -16.35
N GLU A 87 -14.93 2.44 -17.62
CA GLU A 87 -14.38 1.27 -18.30
C GLU A 87 -12.86 1.42 -18.33
N GLU A 88 -12.40 2.62 -18.69
CA GLU A 88 -10.97 2.91 -18.70
C GLU A 88 -10.37 2.81 -17.30
N VAL A 89 -11.09 3.24 -16.27
CA VAL A 89 -10.56 3.13 -14.92
C VAL A 89 -10.45 1.65 -14.53
N ARG A 90 -11.52 0.90 -14.76
CA ARG A 90 -11.52 -0.53 -14.44
C ARG A 90 -10.37 -1.26 -15.15
N ASP A 91 -10.24 -1.03 -16.46
CA ASP A 91 -9.20 -1.71 -17.22
C ASP A 91 -7.82 -1.31 -16.74
N ALA A 92 -7.63 -0.06 -16.38
CA ALA A 92 -6.35 0.38 -15.83
C ALA A 92 -6.02 -0.31 -14.51
N LEU A 93 -7.05 -0.54 -13.70
CA LEU A 93 -6.90 -1.25 -12.42
C LEU A 93 -6.62 -2.73 -12.63
N PHE A 94 -7.43 -3.38 -13.46
CA PHE A 94 -7.14 -4.75 -13.88
C PHE A 94 -5.71 -4.91 -14.35
N HIS A 95 -5.28 -3.99 -15.20
CA HIS A 95 -3.95 -4.07 -15.77
C HIS A 95 -2.87 -3.93 -14.68
N HIS A 96 -3.07 -2.98 -13.78
CA HIS A 96 -2.13 -2.77 -12.68
C HIS A 96 -1.92 -4.07 -11.90
N ILE A 97 -3.02 -4.73 -11.55
CA ILE A 97 -2.96 -6.03 -10.90
C ILE A 97 -2.11 -7.01 -11.69
N GLU A 98 -2.32 -7.06 -12.99
CA GLU A 98 -1.62 -8.05 -13.82
C GLU A 98 -0.12 -7.81 -13.85
N THR A 99 0.29 -6.58 -14.18
CA THR A 99 1.69 -6.29 -14.39
C THR A 99 2.47 -6.24 -13.09
N ALA A 100 1.84 -5.74 -12.02
CA ALA A 100 2.43 -5.76 -10.68
C ALA A 100 2.68 -7.19 -10.20
N THR A 101 1.67 -8.05 -10.36
CA THR A 101 1.76 -9.46 -9.94
C THR A 101 2.89 -10.17 -10.68
N ASN A 102 2.92 -10.01 -12.01
CA ASN A 102 4.02 -10.49 -12.82
C ASN A 102 4.31 -11.97 -12.56
N ASN A 103 3.25 -12.76 -12.52
CA ASN A 103 3.34 -14.21 -12.23
C ASN A 103 3.92 -14.59 -10.87
N GLY A 104 3.96 -13.65 -9.94
CA GLY A 104 4.54 -13.92 -8.63
C GLY A 104 5.79 -13.10 -8.37
N LYS A 105 6.54 -12.80 -9.45
CA LYS A 105 7.70 -11.94 -9.31
C LYS A 105 7.24 -10.48 -9.26
N ILE A 106 6.70 -10.10 -8.11
CA ILE A 106 6.05 -8.80 -7.94
C ILE A 106 6.93 -7.61 -8.37
N ARG A 107 6.32 -6.71 -9.15
CA ARG A 107 6.94 -5.45 -9.55
C ARG A 107 6.29 -4.31 -8.79
N PRO A 108 7.07 -3.57 -7.98
CA PRO A 108 6.56 -2.37 -7.32
C PRO A 108 6.07 -1.37 -8.35
N THR A 109 4.77 -1.08 -8.35
CA THR A 109 4.14 -0.32 -9.41
C THR A 109 3.17 0.69 -8.83
N ILE A 110 3.06 1.84 -9.49
CA ILE A 110 2.00 2.79 -9.17
C ILE A 110 1.29 3.18 -10.47
N THR A 111 -0.04 3.25 -10.42
CA THR A 111 -0.82 3.74 -11.55
C THR A 111 -1.39 5.10 -11.15
N ILE A 112 -1.09 6.13 -11.93
CA ILE A 112 -1.52 7.48 -11.56
C ILE A 112 -2.68 8.01 -12.42
N PHE A 113 -3.83 8.23 -11.78
CA PHE A 113 -5.03 8.74 -12.44
C PHE A 113 -5.07 10.28 -12.39
N PRO A 114 -5.99 10.92 -13.15
CA PRO A 114 -6.05 12.39 -13.14
C PRO A 114 -6.13 12.95 -11.71
N PRO A 115 -5.52 14.12 -11.48
CA PRO A 115 -5.52 14.65 -10.10
C PRO A 115 -6.78 15.45 -9.81
N GLU A 116 -6.99 15.83 -8.56
CA GLU A 116 -8.09 16.70 -8.22
C GLU A 116 -7.89 18.03 -8.94
N GLU A 117 -8.99 18.72 -9.23
CA GLU A 117 -8.90 20.04 -9.87
C GLU A 117 -9.02 21.16 -8.84
N LYS A 118 -10.24 21.45 -8.43
CA LYS A 118 -10.44 22.45 -7.37
C LYS A 118 -10.69 21.72 -6.06
N GLY A 119 -9.93 20.67 -5.81
CA GLY A 119 -10.24 19.76 -4.73
C GLY A 119 -11.35 18.81 -5.16
N GLU A 120 -11.79 18.95 -6.41
CA GLU A 120 -12.78 18.04 -7.00
C GLU A 120 -12.11 16.82 -7.60
N LYS A 121 -12.45 15.65 -7.08
CA LYS A 121 -11.90 14.40 -7.59
C LYS A 121 -12.45 14.08 -8.98
N GLN A 122 -11.61 13.49 -9.82
CA GLN A 122 -12.03 13.06 -11.15
C GLN A 122 -12.45 11.60 -11.05
N VAL A 123 -11.73 10.87 -10.22
CA VAL A 123 -11.94 9.45 -10.02
C VAL A 123 -11.75 9.23 -8.54
N GLU A 124 -12.71 8.57 -7.91
CA GLU A 124 -12.67 8.38 -6.46
C GLU A 124 -12.79 6.89 -6.14
N ILE A 125 -11.68 6.31 -5.70
CA ILE A 125 -11.60 4.86 -5.43
C ILE A 125 -12.03 4.55 -4.00
N TRP A 126 -12.88 3.54 -3.82
CA TRP A 126 -13.41 3.24 -2.47
C TRP A 126 -12.63 2.13 -1.78
N ASN A 127 -11.98 1.27 -2.55
CA ASN A 127 -11.21 0.16 -1.99
C ASN A 127 -10.04 0.65 -1.13
N HIS A 128 -9.73 -0.08 -0.05
CA HIS A 128 -8.52 0.21 0.73
C HIS A 128 -7.34 -0.35 -0.03
N GLN A 129 -7.46 -1.61 -0.45
CA GLN A 129 -6.54 -2.19 -1.41
C GLN A 129 -7.36 -2.76 -2.56
N LEU A 130 -6.75 -2.85 -3.74
CA LEU A 130 -7.42 -3.41 -4.92
C LEU A 130 -7.84 -4.86 -4.68
N ILE A 131 -6.97 -5.63 -4.04
CA ILE A 131 -7.31 -6.97 -3.62
C ILE A 131 -7.42 -7.03 -2.09
N ARG A 132 -8.62 -7.29 -1.60
CA ARG A 132 -8.86 -7.42 -0.18
C ARG A 132 -10.10 -8.27 0.14
N TYR A 133 -10.11 -8.91 1.31
CA TYR A 133 -11.21 -9.80 1.67
C TYR A 133 -12.32 -9.06 2.38
N ALA A 134 -13.56 -9.50 2.18
CA ALA A 134 -14.70 -8.83 2.77
C ALA A 134 -14.80 -9.20 4.25
N GLY A 135 -15.71 -8.55 4.95
CA GLY A 135 -15.90 -8.79 6.37
C GLY A 135 -17.35 -8.64 6.74
N TYR A 136 -17.84 -9.53 7.58
CA TYR A 136 -19.24 -9.51 7.99
C TYR A 136 -19.34 -9.65 9.51
N GLU A 137 -20.12 -8.75 10.10
CA GLU A 137 -20.40 -8.81 11.52
C GLU A 137 -21.90 -8.73 11.69
N SER A 138 -22.54 -9.89 11.75
CA SER A 138 -23.98 -9.95 11.94
C SER A 138 -24.28 -10.66 13.25
N ASP A 139 -25.00 -9.97 14.13
CA ASP A 139 -25.31 -10.41 15.50
C ASP A 139 -24.45 -11.57 16.01
N GLY A 140 -23.24 -11.25 16.47
CA GLY A 140 -22.34 -12.24 17.04
C GLY A 140 -21.54 -13.02 16.02
N GLU A 141 -22.11 -13.22 14.83
CA GLU A 141 -21.46 -14.03 13.80
C GLU A 141 -20.42 -13.22 13.02
N ARG A 142 -19.15 -13.53 13.25
CA ARG A 142 -18.04 -12.87 12.57
C ARG A 142 -17.57 -13.69 11.38
N ILE A 143 -17.55 -13.09 10.20
CA ILE A 143 -16.97 -13.80 9.06
C ILE A 143 -15.95 -12.91 8.36
N GLY A 144 -14.83 -13.49 7.97
CA GLY A 144 -13.88 -12.78 7.13
C GLY A 144 -13.03 -11.73 7.84
N ASP A 145 -12.73 -10.64 7.14
CA ASP A 145 -11.80 -9.64 7.65
C ASP A 145 -12.54 -8.46 8.25
N PRO A 146 -12.55 -8.35 9.60
CA PRO A 146 -13.27 -7.27 10.27
C PRO A 146 -12.89 -5.88 9.74
N ALA A 147 -11.63 -5.71 9.34
CA ALA A 147 -11.16 -4.45 8.77
C ALA A 147 -12.03 -4.01 7.60
N SER A 148 -12.60 -4.98 6.89
CA SER A 148 -13.40 -4.69 5.71
C SER A 148 -14.90 -4.58 5.96
N CYS A 149 -15.34 -4.61 7.21
CA CYS A 149 -16.78 -4.61 7.51
C CYS A 149 -17.57 -3.44 6.92
N SER A 150 -17.10 -2.22 7.11
CA SER A 150 -17.86 -1.07 6.61
C SER A 150 -17.89 -0.99 5.08
N LEU A 151 -16.73 -1.20 4.45
CA LEU A 151 -16.66 -1.18 2.99
C LEU A 151 -17.54 -2.27 2.38
N THR A 152 -17.49 -3.46 2.98
CA THR A 152 -18.33 -4.57 2.56
C THR A 152 -19.82 -4.19 2.66
N ALA A 153 -20.23 -3.62 3.79
CA ALA A 153 -21.62 -3.19 3.92
C ALA A 153 -22.00 -2.15 2.87
N ALA A 154 -21.08 -1.24 2.54
CA ALA A 154 -21.40 -0.15 1.62
C ALA A 154 -21.60 -0.73 0.23
N CYS A 155 -20.75 -1.71 -0.07
CA CYS A 155 -20.80 -2.42 -1.32
C CYS A 155 -22.08 -3.23 -1.45
N GLU A 156 -22.51 -3.84 -0.35
CA GLU A 156 -23.77 -4.57 -0.35
C GLU A 156 -25.01 -3.69 -0.43
N GLU A 157 -24.83 -2.37 -0.37
CA GLU A 157 -25.91 -1.45 -0.66
C GLU A 157 -26.08 -1.36 -2.16
N LEU A 158 -24.96 -1.35 -2.88
CA LEU A 158 -24.93 -1.16 -4.33
C LEU A 158 -25.28 -2.40 -5.17
N GLY A 159 -25.96 -3.37 -4.57
CA GLY A 159 -26.45 -4.51 -5.33
C GLY A 159 -25.52 -5.70 -5.41
N TRP A 160 -24.40 -5.62 -4.73
CA TRP A 160 -23.42 -6.71 -4.68
C TRP A 160 -23.75 -7.62 -3.49
N ARG A 161 -23.27 -8.85 -3.55
CA ARG A 161 -23.50 -9.80 -2.46
C ARG A 161 -22.30 -10.74 -2.30
N GLY A 162 -21.69 -10.73 -1.13
CA GLY A 162 -20.59 -11.62 -0.84
C GLY A 162 -21.12 -12.99 -0.52
N GLU A 163 -20.30 -14.02 -0.78
CA GLU A 163 -20.66 -15.40 -0.46
C GLU A 163 -20.57 -15.70 1.04
N ARG A 164 -19.90 -14.82 1.77
CA ARG A 164 -19.68 -15.01 3.20
C ARG A 164 -18.81 -16.20 3.57
N THR A 165 -17.77 -16.42 2.76
CA THR A 165 -16.66 -17.24 3.18
C THR A 165 -15.75 -16.28 3.94
N ASP A 166 -14.69 -16.82 4.53
CA ASP A 166 -13.74 -15.97 5.23
C ASP A 166 -12.85 -15.22 4.28
N PHE A 167 -12.95 -15.52 2.98
CA PHE A 167 -12.03 -14.93 2.01
C PHE A 167 -12.74 -14.51 0.72
N ASP A 168 -13.89 -13.85 0.85
CA ASP A 168 -14.55 -13.25 -0.31
C ASP A 168 -13.69 -12.11 -0.85
N LEU A 169 -13.41 -12.10 -2.15
CA LEU A 169 -12.72 -10.94 -2.71
C LEU A 169 -13.74 -9.84 -2.96
N LEU A 170 -13.46 -8.65 -2.46
CA LEU A 170 -14.29 -7.48 -2.71
C LEU A 170 -14.13 -7.08 -4.16
N PRO A 171 -15.19 -6.53 -4.75
CA PRO A 171 -15.02 -6.09 -6.13
C PRO A 171 -14.30 -4.76 -6.10
N LEU A 172 -13.82 -4.30 -7.25
CA LEU A 172 -13.35 -2.94 -7.35
C LEU A 172 -14.58 -2.06 -7.17
N ILE A 173 -14.46 -1.04 -6.36
CA ILE A 173 -15.53 -0.07 -6.29
C ILE A 173 -14.95 1.33 -6.34
N PHE A 174 -15.46 2.14 -7.27
CA PHE A 174 -14.99 3.52 -7.46
C PHE A 174 -16.07 4.37 -8.11
N ARG A 175 -15.98 5.68 -7.93
CA ARG A 175 -16.95 6.61 -8.49
C ARG A 175 -16.31 7.65 -9.42
N MET A 176 -16.98 7.94 -10.54
CA MET A 176 -16.51 8.97 -11.47
C MET A 176 -17.16 10.32 -11.14
N LYS A 177 -16.39 11.39 -11.31
CA LYS A 177 -16.90 12.74 -11.19
C LYS A 177 -18.16 12.82 -12.03
N GLY A 178 -19.22 13.41 -11.49
CA GLY A 178 -20.45 13.55 -12.23
C GLY A 178 -21.46 12.47 -11.87
N ASP A 179 -20.99 11.37 -11.30
CA ASP A 179 -21.87 10.29 -10.90
C ASP A 179 -22.15 10.35 -9.41
N GLU A 180 -23.37 9.97 -9.03
CA GLU A 180 -23.76 10.05 -7.63
C GLU A 180 -23.31 8.82 -6.83
N GLN A 181 -23.29 7.67 -7.49
CA GLN A 181 -22.94 6.41 -6.85
C GLN A 181 -21.71 5.81 -7.50
N PRO A 182 -20.91 5.05 -6.75
CA PRO A 182 -19.78 4.39 -7.39
C PRO A 182 -20.26 3.18 -8.20
N VAL A 183 -19.43 2.66 -9.10
CA VAL A 183 -19.75 1.41 -9.76
C VAL A 183 -18.91 0.32 -9.11
N TRP A 184 -19.27 -0.94 -9.32
CA TRP A 184 -18.42 -2.03 -8.82
C TRP A 184 -18.18 -3.10 -9.89
N TYR A 185 -17.00 -3.71 -9.86
CA TYR A 185 -16.68 -4.79 -10.80
C TYR A 185 -16.00 -5.93 -10.08
N GLU A 186 -16.60 -7.11 -10.16
CA GLU A 186 -15.97 -8.33 -9.69
C GLU A 186 -14.57 -8.47 -10.32
N LEU A 187 -13.59 -8.89 -9.53
CA LEU A 187 -12.25 -9.17 -10.04
C LEU A 187 -12.23 -10.49 -10.79
N PRO A 188 -11.59 -10.53 -11.96
CA PRO A 188 -11.43 -11.83 -12.62
C PRO A 188 -10.49 -12.69 -11.78
N ARG A 189 -10.94 -13.86 -11.32
CA ARG A 189 -10.12 -14.64 -10.41
C ARG A 189 -8.75 -14.99 -11.00
N SER A 190 -8.69 -15.11 -12.33
CA SER A 190 -7.42 -15.40 -13.01
C SER A 190 -6.34 -14.32 -12.82
N LEU A 191 -6.73 -13.17 -12.28
CA LEU A 191 -5.80 -12.08 -12.06
C LEU A 191 -5.24 -12.09 -10.66
N VAL A 192 -5.94 -12.77 -9.75
CA VAL A 192 -5.60 -12.76 -8.33
C VAL A 192 -4.82 -14.00 -7.90
N ILE A 193 -3.53 -13.85 -7.60
CA ILE A 193 -2.78 -14.95 -7.00
C ILE A 193 -3.00 -15.01 -5.48
N GLU A 194 -3.31 -16.20 -4.98
CA GLU A 194 -3.43 -16.41 -3.54
C GLU A 194 -2.49 -17.53 -3.09
N VAL A 195 -2.12 -17.50 -1.81
CA VAL A 195 -1.17 -18.44 -1.24
C VAL A 195 -1.78 -19.23 -0.07
N PRO A 196 -1.87 -20.55 -0.22
CA PRO A 196 -2.32 -21.37 0.91
C PRO A 196 -1.22 -21.41 1.97
N ILE A 197 -1.53 -21.14 3.23
CA ILE A 197 -0.50 -21.18 4.26
C ILE A 197 -0.28 -22.61 4.73
N THR A 198 0.88 -23.17 4.40
CA THR A 198 1.33 -24.43 4.99
C THR A 198 2.60 -24.18 5.80
N HIS A 199 3.00 -25.15 6.62
CA HIS A 199 4.18 -25.00 7.46
C HIS A 199 5.19 -26.04 7.01
N PRO A 200 6.49 -25.68 7.00
CA PRO A 200 7.52 -26.58 6.46
C PRO A 200 7.68 -27.91 7.21
N ASP A 201 7.33 -27.96 8.48
CA ASP A 201 7.62 -29.13 9.32
C ASP A 201 6.34 -29.80 9.77
N ILE A 202 5.32 -28.97 10.00
CA ILE A 202 4.13 -29.39 10.70
C ILE A 202 2.99 -29.56 9.73
N GLU A 203 2.66 -30.83 9.48
CA GLU A 203 1.70 -31.17 8.44
C GLU A 203 0.30 -30.64 8.75
N ALA A 204 -0.06 -30.63 10.03
CA ALA A 204 -1.40 -30.29 10.44
C ALA A 204 -1.76 -28.83 10.21
N PHE A 205 -0.74 -28.00 10.00
CA PHE A 205 -0.97 -26.57 9.85
C PHE A 205 -1.98 -26.27 8.73
N SER A 206 -2.07 -27.16 7.74
CA SER A 206 -2.98 -26.92 6.62
C SER A 206 -4.44 -27.11 7.04
N ASP A 207 -4.64 -27.74 8.20
CA ASP A 207 -5.98 -27.90 8.78
C ASP A 207 -6.63 -26.56 9.08
N LEU A 208 -5.82 -25.54 9.28
CA LEU A 208 -6.33 -24.20 9.57
C LEU A 208 -6.99 -23.61 8.33
N GLU A 209 -6.60 -24.10 7.15
CA GLU A 209 -7.14 -23.63 5.88
C GLU A 209 -6.99 -22.12 5.70
N LEU A 210 -5.81 -21.63 6.05
CA LEU A 210 -5.49 -20.22 5.93
C LEU A 210 -4.99 -19.94 4.52
N LYS A 211 -5.21 -18.71 4.07
CA LYS A 211 -4.59 -18.22 2.84
C LYS A 211 -4.49 -16.71 2.91
N TRP A 212 -3.70 -16.13 2.02
CA TRP A 212 -3.66 -14.69 1.87
C TRP A 212 -3.46 -14.34 0.38
N TYR A 213 -3.71 -13.10 -0.01
CA TYR A 213 -3.47 -12.71 -1.40
C TYR A 213 -2.00 -12.36 -1.60
N GLY A 214 -1.53 -12.46 -2.83
CA GLY A 214 -0.14 -12.23 -3.13
C GLY A 214 0.28 -10.78 -3.06
N VAL A 215 -0.54 -9.87 -3.57
CA VAL A 215 -0.05 -8.52 -3.85
C VAL A 215 -0.85 -7.46 -3.14
N PRO A 216 -0.23 -6.74 -2.20
CA PRO A 216 -0.98 -5.69 -1.51
C PRO A 216 -0.91 -4.41 -2.32
N ILE A 217 -2.05 -3.97 -2.83
CA ILE A 217 -2.07 -2.77 -3.65
C ILE A 217 -2.89 -1.69 -2.97
N ILE A 218 -2.23 -0.75 -2.30
CA ILE A 218 -2.91 0.33 -1.58
C ILE A 218 -3.58 1.33 -2.54
N SER A 219 -4.87 1.56 -2.35
CA SER A 219 -5.60 2.34 -3.35
C SER A 219 -6.43 3.45 -2.75
N ASP A 220 -6.08 3.88 -1.54
CA ASP A 220 -6.87 4.92 -0.88
C ASP A 220 -6.03 6.08 -0.33
N MET A 221 -4.76 6.14 -0.73
CA MET A 221 -3.91 7.26 -0.31
C MET A 221 -3.74 8.30 -1.41
N LYS A 222 -3.58 9.54 -0.99
CA LYS A 222 -3.36 10.64 -1.91
C LYS A 222 -1.85 10.84 -2.15
N LEU A 223 -1.44 10.78 -3.41
CA LEU A 223 -0.08 11.14 -3.79
C LEU A 223 -0.02 12.64 -4.00
N GLU A 224 0.85 13.32 -3.27
CA GLU A 224 0.99 14.76 -3.43
C GLU A 224 2.34 15.09 -4.06
N VAL A 225 2.30 15.71 -5.23
CA VAL A 225 3.51 16.07 -5.95
C VAL A 225 3.48 17.53 -6.37
N GLY A 226 4.32 18.35 -5.76
CA GLY A 226 4.43 19.75 -6.14
C GLY A 226 3.12 20.53 -6.17
N GLY A 227 2.29 20.30 -5.16
CA GLY A 227 1.03 21.01 -5.04
C GLY A 227 -0.13 20.37 -5.76
N ILE A 228 0.16 19.32 -6.52
CA ILE A 228 -0.88 18.61 -7.26
C ILE A 228 -1.34 17.40 -6.45
N HIS A 229 -2.65 17.22 -6.35
CA HIS A 229 -3.20 16.16 -5.52
C HIS A 229 -3.74 15.01 -6.33
N TYR A 230 -2.98 13.93 -6.41
CA TYR A 230 -3.42 12.73 -7.08
C TYR A 230 -4.07 11.83 -6.04
N ASN A 231 -5.36 12.04 -5.77
CA ASN A 231 -6.08 11.29 -4.75
C ASN A 231 -6.21 9.84 -5.16
N ALA A 232 -6.17 9.60 -6.47
CA ALA A 232 -6.34 8.27 -7.02
C ALA A 232 -5.05 7.82 -7.70
N ALA A 233 -4.26 7.05 -6.98
CA ALA A 233 -2.96 6.62 -7.46
C ALA A 233 -2.55 5.34 -6.73
N PRO A 234 -3.23 4.23 -7.03
CA PRO A 234 -2.94 2.94 -6.38
C PRO A 234 -1.50 2.47 -6.58
N PHE A 235 -0.87 2.01 -5.50
CA PHE A 235 0.52 1.55 -5.53
C PHE A 235 0.72 0.21 -4.81
N ASN A 236 1.76 -0.52 -5.19
CA ASN A 236 2.02 -1.83 -4.59
C ASN A 236 3.51 -2.09 -4.42
N GLY A 237 3.85 -2.89 -3.42
CA GLY A 237 5.19 -3.44 -3.27
C GLY A 237 4.92 -4.91 -3.12
N TRP A 238 5.81 -5.62 -2.43
CA TRP A 238 5.50 -6.97 -1.94
C TRP A 238 5.31 -6.90 -0.44
N TYR A 239 4.93 -8.01 0.17
CA TYR A 239 4.67 -8.05 1.61
C TYR A 239 5.95 -8.26 2.43
N MET A 240 5.99 -7.65 3.60
CA MET A 240 6.90 -8.15 4.64
C MET A 240 6.10 -9.20 5.39
N GLY A 241 6.71 -10.37 5.62
CA GLY A 241 6.00 -11.49 6.21
C GLY A 241 5.20 -11.19 7.48
N THR A 242 5.81 -10.46 8.40
CA THR A 242 5.13 -10.08 9.64
C THR A 242 3.79 -9.39 9.43
N GLU A 243 3.62 -8.76 8.27
CA GLU A 243 2.37 -8.03 8.04
C GLU A 243 1.21 -9.00 8.02
N ILE A 244 1.47 -10.19 7.49
CA ILE A 244 0.44 -11.21 7.39
C ILE A 244 0.44 -12.08 8.63
N GLY A 245 1.62 -12.60 8.98
CA GLY A 245 1.74 -13.51 10.09
C GLY A 245 1.58 -12.91 11.49
N ALA A 246 1.93 -11.64 11.65
CA ALA A 246 1.93 -11.07 13.00
C ALA A 246 0.76 -10.12 13.20
N ARG A 247 0.16 -9.68 12.11
CA ARG A 247 -0.93 -8.70 12.21
C ARG A 247 -2.24 -9.21 11.58
N ASN A 248 -2.28 -9.38 10.26
CA ASN A 248 -3.51 -9.74 9.56
C ASN A 248 -4.13 -11.05 10.05
N LEU A 249 -3.31 -12.06 10.26
CA LEU A 249 -3.84 -13.33 10.72
C LEU A 249 -3.82 -13.46 12.25
N ALA A 250 -3.07 -12.59 12.93
CA ALA A 250 -2.88 -12.70 14.39
C ALA A 250 -3.71 -11.78 15.25
N ASP A 251 -3.95 -10.55 14.79
CA ASP A 251 -4.69 -9.55 15.56
C ASP A 251 -6.05 -10.09 15.99
N GLU A 252 -6.41 -9.80 17.24
CA GLU A 252 -7.73 -10.18 17.74
C GLU A 252 -8.82 -9.48 16.96
N LYS A 253 -8.53 -8.27 16.50
CA LYS A 253 -9.49 -7.50 15.71
C LYS A 253 -9.41 -7.82 14.21
N ARG A 254 -8.54 -8.74 13.86
CA ARG A 254 -8.47 -9.23 12.49
C ARG A 254 -8.87 -10.70 12.48
N TYR A 255 -8.04 -11.58 11.92
CA TYR A 255 -8.44 -12.98 11.81
C TYR A 255 -8.29 -13.79 13.10
N ASP A 256 -7.49 -13.29 14.04
CA ASP A 256 -7.43 -13.83 15.40
C ASP A 256 -7.12 -15.35 15.48
N LYS A 257 -6.03 -15.79 14.85
CA LYS A 257 -5.78 -17.22 14.64
C LYS A 257 -4.84 -17.90 15.63
N LEU A 258 -4.25 -17.11 16.55
CA LEU A 258 -3.16 -17.64 17.35
C LEU A 258 -3.52 -18.86 18.20
N LYS A 259 -4.71 -18.83 18.80
CA LYS A 259 -5.12 -19.97 19.60
C LYS A 259 -5.25 -21.22 18.72
N LYS A 260 -5.73 -21.05 17.50
CA LYS A 260 -5.83 -22.18 16.59
C LYS A 260 -4.46 -22.61 16.09
N VAL A 261 -3.57 -21.66 15.88
CA VAL A 261 -2.19 -21.99 15.54
C VAL A 261 -1.56 -22.82 16.65
N ALA A 262 -1.76 -22.38 17.88
CA ALA A 262 -1.18 -23.07 19.05
C ALA A 262 -1.68 -24.51 19.12
N SER A 263 -2.96 -24.70 18.87
CA SER A 263 -3.51 -26.04 18.89
C SER A 263 -2.91 -26.95 17.80
N VAL A 264 -2.83 -26.48 16.56
CA VAL A 264 -2.26 -27.34 15.50
C VAL A 264 -0.75 -27.53 15.60
N ILE A 265 -0.06 -26.67 16.34
CA ILE A 265 1.38 -26.89 16.53
C ILE A 265 1.63 -27.67 17.81
N GLY A 266 0.56 -28.04 18.50
CA GLY A 266 0.65 -28.98 19.60
C GLY A 266 1.15 -28.40 20.92
N ILE A 267 0.96 -27.10 21.13
CA ILE A 267 1.24 -26.51 22.43
C ILE A 267 -0.02 -26.00 23.10
N ALA A 268 0.02 -25.98 24.44
CA ALA A 268 -1.07 -25.48 25.27
C ALA A 268 -1.17 -23.97 25.16
N ALA A 269 -2.40 -23.46 25.23
CA ALA A 269 -2.62 -22.02 25.20
C ALA A 269 -3.27 -21.55 26.50
N ASP A 270 -2.72 -22.03 27.64
CA ASP A 270 -3.34 -21.81 28.94
C ASP A 270 -2.64 -20.73 29.79
N TYR A 271 -1.30 -20.73 29.79
CA TYR A 271 -0.52 -19.88 30.70
C TYR A 271 0.32 -18.82 29.99
N ASN A 272 0.24 -17.58 30.46
CA ASN A 272 1.03 -16.49 29.89
C ASN A 272 2.52 -16.83 29.93
N THR A 273 2.97 -17.41 31.06
CA THR A 273 4.36 -17.76 31.25
C THR A 273 4.90 -18.83 30.30
N ASP A 274 4.01 -19.53 29.58
CA ASP A 274 4.47 -20.50 28.57
C ASP A 274 4.89 -19.79 27.30
N LEU A 275 4.52 -18.52 27.19
CA LEU A 275 4.78 -17.73 25.98
C LEU A 275 4.23 -18.40 24.73
N TRP A 276 3.05 -19.01 24.86
CA TRP A 276 2.44 -19.69 23.73
C TRP A 276 2.07 -18.74 22.61
N LYS A 277 1.72 -17.51 22.95
CA LYS A 277 1.40 -16.53 21.91
C LYS A 277 2.64 -16.24 21.09
N ASP A 278 3.76 -16.07 21.79
CA ASP A 278 5.00 -15.73 21.11
C ASP A 278 5.42 -16.89 20.23
N GLN A 279 5.29 -18.10 20.77
CA GLN A 279 5.68 -19.28 20.05
C GLN A 279 4.77 -19.48 18.84
N ALA A 280 3.46 -19.31 19.03
CA ALA A 280 2.50 -19.40 17.94
C ALA A 280 2.79 -18.35 16.88
N LEU A 281 3.14 -17.14 17.32
CA LEU A 281 3.45 -16.06 16.38
C LEU A 281 4.60 -16.46 15.45
N VAL A 282 5.65 -16.98 16.04
CA VAL A 282 6.83 -17.39 15.28
C VAL A 282 6.54 -18.50 14.28
N GLU A 283 5.80 -19.52 14.68
CA GLU A 283 5.50 -20.61 13.74
C GLU A 283 4.61 -20.12 12.61
N LEU A 284 3.61 -19.30 12.94
CA LEU A 284 2.72 -18.76 11.92
C LEU A 284 3.49 -17.91 10.91
N ASN A 285 4.45 -17.13 11.39
CA ASN A 285 5.22 -16.27 10.51
C ASN A 285 6.23 -17.06 9.66
N LYS A 286 6.73 -18.15 10.22
CA LYS A 286 7.56 -19.07 9.45
C LYS A 286 6.71 -19.70 8.35
N ALA A 287 5.48 -20.04 8.69
CA ALA A 287 4.55 -20.63 7.74
C ALA A 287 4.34 -19.70 6.57
N VAL A 288 4.05 -18.44 6.88
CA VAL A 288 3.84 -17.43 5.85
C VAL A 288 5.01 -17.34 4.88
N LEU A 289 6.22 -17.18 5.41
CA LEU A 289 7.42 -17.06 4.57
C LEU A 289 7.62 -18.28 3.71
N HIS A 290 7.50 -19.45 4.32
CA HIS A 290 7.60 -20.70 3.59
C HIS A 290 6.57 -20.79 2.46
N SER A 291 5.34 -20.38 2.75
CA SER A 291 4.25 -20.57 1.79
C SER A 291 4.42 -19.68 0.58
N TYR A 292 4.75 -18.42 0.81
CA TYR A 292 4.99 -17.50 -0.30
C TYR A 292 6.18 -17.94 -1.17
N LYS A 293 7.27 -18.40 -0.55
CA LYS A 293 8.43 -18.85 -1.31
C LYS A 293 8.12 -20.10 -2.13
N LYS A 294 7.36 -21.02 -1.53
CA LYS A 294 7.04 -22.28 -2.18
C LYS A 294 6.15 -22.04 -3.41
N GLN A 295 5.41 -20.95 -3.37
CA GLN A 295 4.42 -20.64 -4.40
C GLN A 295 5.00 -19.72 -5.47
N GLY A 296 6.26 -19.33 -5.30
CA GLY A 296 6.88 -18.46 -6.27
C GLY A 296 6.32 -17.06 -6.22
N VAL A 297 5.99 -16.60 -5.02
CA VAL A 297 5.47 -15.25 -4.84
C VAL A 297 6.41 -14.43 -3.97
N SER A 298 6.82 -13.27 -4.46
CA SER A 298 7.78 -12.43 -3.76
C SER A 298 7.31 -12.08 -2.36
N ILE A 299 8.25 -12.13 -1.41
CA ILE A 299 7.98 -11.71 -0.04
C ILE A 299 9.34 -11.46 0.61
N VAL A 300 9.35 -10.74 1.72
CA VAL A 300 10.58 -10.50 2.45
C VAL A 300 10.36 -10.74 3.97
N ASP A 301 11.34 -11.33 4.63
CA ASP A 301 11.26 -11.46 6.10
C ASP A 301 11.74 -10.15 6.71
N HIS A 302 11.44 -9.94 7.98
CA HIS A 302 11.71 -8.65 8.61
C HIS A 302 13.19 -8.38 8.88
N HIS A 303 13.99 -9.44 8.99
CA HIS A 303 15.43 -9.24 9.18
C HIS A 303 16.06 -8.72 7.87
N THR A 304 15.74 -9.39 6.77
CA THR A 304 16.23 -8.94 5.47
C THR A 304 15.72 -7.53 5.15
N ALA A 305 14.44 -7.28 5.41
CA ALA A 305 13.87 -5.94 5.20
C ALA A 305 14.63 -4.89 6.00
N ALA A 306 14.77 -5.13 7.30
CA ALA A 306 15.55 -4.27 8.19
C ALA A 306 16.95 -4.08 7.66
N SER A 307 17.53 -5.17 7.17
CA SER A 307 18.87 -5.13 6.62
C SER A 307 18.92 -4.22 5.40
N GLN A 308 17.87 -4.26 4.58
CA GLN A 308 17.80 -3.45 3.36
C GLN A 308 17.58 -1.98 3.73
N PHE A 309 16.79 -1.76 4.76
CA PHE A 309 16.50 -0.40 5.19
C PHE A 309 17.75 0.27 5.77
N LYS A 310 18.64 -0.53 6.35
CA LYS A 310 19.94 -0.04 6.80
C LYS A 310 20.72 0.50 5.60
N ARG A 311 20.67 -0.23 4.49
CA ARG A 311 21.36 0.22 3.29
C ARG A 311 20.76 1.54 2.80
N PHE A 312 19.45 1.69 2.95
CA PHE A 312 18.77 2.91 2.56
C PHE A 312 19.22 4.10 3.42
N GLU A 313 19.36 3.88 4.72
CA GLU A 313 19.89 4.90 5.63
C GLU A 313 21.29 5.31 5.20
N GLU A 314 22.10 4.32 4.84
CA GLU A 314 23.45 4.59 4.38
C GLU A 314 23.47 5.38 3.07
N GLN A 315 22.57 5.03 2.16
CA GLN A 315 22.50 5.73 0.87
C GLN A 315 22.11 7.18 1.03
N ALA A 316 21.15 7.44 1.91
CA ALA A 316 20.67 8.79 2.17
C ALA A 316 21.83 9.67 2.62
N GLU A 317 22.58 9.17 3.60
CA GLU A 317 23.77 9.85 4.09
C GLU A 317 24.77 10.09 2.96
N GLU A 318 24.99 9.05 2.16
CA GLU A 318 25.93 9.10 1.05
C GLU A 318 25.52 10.12 -0.01
N ALA A 319 24.23 10.39 -0.12
CA ALA A 319 23.71 11.32 -1.12
C ALA A 319 23.49 12.70 -0.54
N GLY A 320 23.88 12.89 0.72
CA GLY A 320 23.62 14.15 1.41
C GLY A 320 22.14 14.46 1.64
N ARG A 321 21.28 13.46 1.59
CA ARG A 321 19.86 13.67 1.86
C ARG A 321 19.52 13.40 3.31
N LYS A 322 18.79 14.32 3.93
CA LYS A 322 18.29 14.09 5.29
C LYS A 322 17.38 12.87 5.28
N LEU A 323 17.49 12.03 6.30
CA LEU A 323 16.63 10.85 6.41
C LEU A 323 15.50 11.10 7.41
N THR A 324 14.28 10.74 7.01
CA THR A 324 13.16 10.83 7.94
C THR A 324 12.51 9.46 8.09
N GLY A 325 11.89 9.25 9.24
CA GLY A 325 11.29 7.97 9.55
C GLY A 325 10.42 8.00 10.79
N ASP A 326 9.45 7.10 10.82
CA ASP A 326 8.59 6.91 11.97
C ASP A 326 8.99 5.62 12.68
N TRP A 327 9.78 5.74 13.74
CA TRP A 327 10.29 4.60 14.50
C TRP A 327 9.20 3.62 14.93
N THR A 328 8.05 4.15 15.35
CA THR A 328 6.95 3.31 15.83
C THR A 328 6.37 2.38 14.76
N TRP A 329 6.56 2.73 13.49
CA TRP A 329 6.05 1.92 12.40
C TRP A 329 7.13 1.12 11.70
N LEU A 330 8.37 1.62 11.77
CA LEU A 330 9.50 0.95 11.13
C LEU A 330 9.88 -0.34 11.87
N ILE A 331 9.78 -0.37 13.20
CA ILE A 331 10.09 -1.59 13.94
C ILE A 331 9.06 -2.67 13.62
N PRO A 332 9.52 -3.88 13.30
CA PRO A 332 8.66 -5.03 13.04
C PRO A 332 7.97 -5.51 14.32
N PRO A 333 6.74 -6.04 14.22
CA PRO A 333 5.95 -6.48 15.36
C PRO A 333 6.42 -7.81 15.96
N ILE A 334 7.37 -8.48 15.31
CA ILE A 334 8.04 -9.57 16.01
C ILE A 334 9.55 -9.41 16.06
N SER A 335 10.13 -9.79 17.20
CA SER A 335 11.55 -9.56 17.50
C SER A 335 12.11 -8.19 17.10
N PRO A 336 11.42 -7.09 17.46
CA PRO A 336 11.95 -5.78 17.05
C PRO A 336 13.37 -5.46 17.54
N ALA A 337 13.75 -5.85 18.75
CA ALA A 337 15.11 -5.59 19.25
C ALA A 337 16.21 -6.37 18.49
N ALA A 338 15.79 -7.30 17.65
CA ALA A 338 16.76 -8.04 16.84
C ALA A 338 17.17 -7.26 15.59
N THR A 339 16.52 -6.13 15.35
CA THR A 339 16.86 -5.29 14.20
C THR A 339 17.52 -4.02 14.67
N HIS A 340 18.30 -3.39 13.80
CA HIS A 340 19.05 -2.19 14.15
C HIS A 340 18.13 -0.98 14.37
N ILE A 341 16.98 -1.01 13.69
CA ILE A 341 15.99 0.05 13.77
C ILE A 341 15.63 0.37 15.23
N PHE A 342 15.37 -0.68 15.99
CA PHE A 342 15.01 -0.58 17.39
C PHE A 342 16.04 0.23 18.18
N HIS A 343 17.31 0.11 17.81
CA HIS A 343 18.38 0.70 18.61
C HIS A 343 18.87 2.08 18.15
N ARG A 344 18.12 2.72 17.26
CA ARG A 344 18.40 4.11 16.90
C ARG A 344 17.10 4.91 16.80
N SER A 345 17.23 6.22 16.63
CA SER A 345 16.07 7.09 16.54
C SER A 345 15.90 7.66 15.13
N TYR A 346 14.71 8.15 14.83
CA TYR A 346 14.44 8.76 13.52
C TYR A 346 13.63 10.05 13.65
N ASP A 347 14.01 11.04 12.85
CA ASP A 347 13.27 12.28 12.71
C ASP A 347 11.99 12.01 11.92
N ASN A 348 10.84 12.26 12.55
CA ASN A 348 9.54 11.98 11.93
C ASN A 348 8.96 13.17 11.16
N SER A 349 9.82 14.03 10.63
CA SER A 349 9.34 15.20 9.86
C SER A 349 8.69 14.83 8.53
N ILE A 350 7.61 15.53 8.19
CA ILE A 350 6.93 15.34 6.92
C ILE A 350 7.61 16.09 5.79
N VAL A 351 8.09 15.36 4.79
CA VAL A 351 8.68 15.93 3.60
C VAL A 351 7.86 15.59 2.35
N LYS A 352 7.67 16.55 1.46
CA LYS A 352 6.96 16.30 0.22
C LYS A 352 7.90 16.25 -0.99
N PRO A 353 7.53 15.52 -2.04
CA PRO A 353 6.32 14.71 -2.25
C PRO A 353 6.13 13.58 -1.24
N ASN A 354 4.90 13.11 -1.11
CA ASN A 354 4.57 12.07 -0.14
C ASN A 354 3.19 11.49 -0.37
N TYR A 355 2.89 10.39 0.32
CA TYR A 355 1.57 9.76 0.27
C TYR A 355 0.84 10.08 1.56
N PHE A 356 -0.43 10.47 1.46
CA PHE A 356 -1.20 10.90 2.64
C PHE A 356 -2.53 10.17 2.77
N TYR A 357 -3.00 10.05 4.01
CA TYR A 357 -4.35 9.60 4.27
C TYR A 357 -5.32 10.65 3.72
N GLN A 358 -6.55 10.23 3.40
CA GLN A 358 -7.63 11.14 3.03
C GLN A 358 -8.94 10.52 3.48
N ASP A 359 -9.97 11.34 3.62
CA ASP A 359 -11.25 10.87 4.16
C ASP A 359 -11.84 9.73 3.34
N LYS A 360 -12.35 8.71 4.00
CA LYS A 360 -13.14 7.68 3.36
C LYS A 360 -14.40 8.32 2.78
N PRO A 361 -14.78 7.92 1.56
CA PRO A 361 -16.00 8.40 0.90
C PRO A 361 -17.29 7.73 1.38
N TYR A 362 -17.18 6.68 2.19
CA TYR A 362 -18.35 6.01 2.75
C TYR A 362 -18.27 6.09 4.28
N GLU A 363 -19.17 5.36 4.95
CA GLU A 363 -19.39 5.47 6.41
C GLU A 363 -20.09 6.77 6.77
#